data_5Q1A
#
_entry.id   5Q1A
#
_cell.length_a   72.326
_cell.length_b   83.861
_cell.length_c   188.991
_cell.angle_alpha   90.00
_cell.angle_beta   90.00
_cell.angle_gamma   90.00
#
_symmetry.space_group_name_H-M   'C 2 2 21'
#
loop_
_entity.id
_entity.type
_entity.pdbx_description
1 polymer 'Bile acid receptor'
2 polymer 'COACTIVATOR PEPTIDE SRC-1 HD3'
3 non-polymer (2S)-2-cyclohexyl-2-[2-(2,4-dimethoxyphenyl)-1H-benzimidazol-1-yl]-N-(2,6-dimethylphenyl)acetamide
4 water water
#
loop_
_entity_poly.entity_id
_entity_poly.type
_entity_poly.pdbx_seq_one_letter_code
_entity_poly.pdbx_strand_id
1 'polypeptide(L)'
;GSHMELTPDQQTLLHFIMDSYNKQRMPQEITNKILKEAFSAEENFLILTEMATNHVQVLVEFTKKLPGFQTLDHEDQIAL
LKGSAVEAMFLRSAEIFNKKLPSGHSDLLEARIRNSGISDEYITPMFSFYKSIGELKMTQEEYALLTAIVILSPDRQYIK
DREAVEKLQEPLLDVLQKLCKIHQPENPQHFACLLGRLTELRTFNHHHAEMLMSWRVNDHKFTPLLCEIWDVQ
;
A,C
2 'polypeptide(L)' KDHQLLRYLLDKDE B,D
#
loop_
_chem_comp.id
_chem_comp.type
_chem_comp.name
_chem_comp.formula
9N4 non-polymer (2S)-2-cyclohexyl-2-[2-(2,4-dimethoxyphenyl)-1H-benzimidazol-1-yl]-N-(2,6-dimethylphenyl)acetamide 'C31 H35 N3 O3'
#
# COMPACT_ATOMS: atom_id res chain seq x y z
N MET A 4 -33.80 -32.73 7.63
CA MET A 4 -34.59 -32.38 6.44
C MET A 4 -35.31 -31.00 6.61
N GLU A 5 -36.65 -30.88 6.35
CA GLU A 5 -37.44 -29.62 6.44
C GLU A 5 -37.52 -29.02 7.84
N LEU A 6 -37.56 -27.67 7.92
CA LEU A 6 -37.70 -26.97 9.20
C LEU A 6 -39.13 -27.10 9.72
N THR A 7 -39.30 -27.22 11.04
CA THR A 7 -40.60 -27.33 11.70
C THR A 7 -41.16 -25.92 11.93
N PRO A 8 -42.46 -25.76 12.31
CA PRO A 8 -42.98 -24.39 12.55
C PRO A 8 -42.24 -23.66 13.69
N ASP A 9 -41.78 -24.42 14.71
CA ASP A 9 -41.02 -23.90 15.86
C ASP A 9 -39.65 -23.38 15.40
N GLN A 10 -38.99 -24.12 14.49
CA GLN A 10 -37.68 -23.75 13.99
C GLN A 10 -37.73 -22.53 13.08
N GLN A 11 -38.79 -22.43 12.23
CA GLN A 11 -39.00 -21.28 11.35
C GLN A 11 -39.18 -20.01 12.20
N THR A 12 -39.94 -20.13 13.31
CA THR A 12 -40.19 -19.05 14.27
C THR A 12 -38.84 -18.63 14.86
N LEU A 13 -38.04 -19.62 15.30
CA LEU A 13 -36.73 -19.36 15.87
C LEU A 13 -35.82 -18.63 14.86
N LEU A 14 -35.75 -19.14 13.63
CA LEU A 14 -34.97 -18.57 12.53
C LEU A 14 -35.34 -17.13 12.21
N HIS A 15 -36.64 -16.84 12.05
CA HIS A 15 -37.10 -15.48 11.73
C HIS A 15 -36.84 -14.51 12.85
N PHE A 16 -36.91 -14.98 14.10
CA PHE A 16 -36.64 -14.17 15.29
C PHE A 16 -35.15 -13.82 15.38
N ILE A 17 -34.27 -14.81 15.11
CA ILE A 17 -32.82 -14.60 15.10
C ILE A 17 -32.46 -13.63 13.95
N MET A 18 -33.11 -13.79 12.77
CA MET A 18 -32.89 -12.93 11.62
C MET A 18 -33.20 -11.47 11.90
N ASP A 19 -34.38 -11.19 12.49
CA ASP A 19 -34.81 -9.83 12.82
C ASP A 19 -33.87 -9.17 13.82
N SER A 20 -33.40 -9.96 14.81
CA SER A 20 -32.48 -9.47 15.82
C SER A 20 -31.10 -9.18 15.20
N TYR A 21 -30.66 -10.05 14.27
CA TYR A 21 -29.39 -9.92 13.55
C TYR A 21 -29.36 -8.70 12.63
N ASN A 22 -30.51 -8.39 11.99
CA ASN A 22 -30.67 -7.28 11.05
C ASN A 22 -30.59 -5.89 11.69
N LYS A 23 -30.58 -5.80 13.04
CA LYS A 23 -30.47 -4.53 13.79
C LYS A 23 -29.03 -3.97 13.75
N GLN A 24 -28.07 -4.73 13.23
CA GLN A 24 -26.67 -4.33 13.10
C GLN A 24 -26.49 -3.22 12.06
N ARG A 25 -25.38 -2.49 12.19
CA ARG A 25 -24.92 -1.45 11.27
C ARG A 25 -24.77 -2.11 9.88
N MET A 26 -25.32 -1.49 8.83
CA MET A 26 -25.30 -2.02 7.46
C MET A 26 -23.89 -2.19 6.89
N PRO A 27 -23.61 -3.30 6.14
CA PRO A 27 -22.25 -3.48 5.56
C PRO A 27 -21.74 -2.28 4.75
N GLN A 28 -22.64 -1.61 4.00
CA GLN A 28 -22.36 -0.42 3.19
C GLN A 28 -21.80 0.76 3.99
N GLU A 29 -22.28 0.98 5.22
CA GLU A 29 -21.83 2.07 6.10
C GLU A 29 -20.30 2.03 6.33
N ILE A 30 -19.77 0.82 6.50
CA ILE A 30 -18.38 0.48 6.75
CA ILE A 30 -18.34 0.65 6.76
C ILE A 30 -17.55 0.56 5.44
N THR A 31 -18.01 -0.19 4.41
CA THR A 31 -17.29 -0.29 3.12
C THR A 31 -17.29 1.03 2.34
N ASN A 32 -18.39 1.83 2.39
CA ASN A 32 -18.41 3.12 1.71
C ASN A 32 -17.33 4.03 2.29
N LYS A 33 -17.18 4.06 3.63
CA LYS A 33 -16.19 4.88 4.33
C LYS A 33 -14.74 4.51 3.92
N ILE A 34 -14.41 3.19 3.92
CA ILE A 34 -13.10 2.66 3.56
C ILE A 34 -12.77 2.91 2.07
N LEU A 35 -13.73 2.65 1.17
CA LEU A 35 -13.53 2.82 -0.27
C LEU A 35 -13.48 4.28 -0.76
N LYS A 36 -14.15 5.20 -0.05
CA LYS A 36 -14.26 6.63 -0.38
C LYS A 36 -12.90 7.33 -0.48
N GLU A 37 -12.08 7.24 0.58
CA GLU A 37 -10.77 7.87 0.63
C GLU A 37 -9.85 7.09 1.56
N ALA A 38 -8.54 7.14 1.27
CA ALA A 38 -7.52 6.47 2.08
C ALA A 38 -7.23 7.34 3.31
N PHE A 39 -7.30 6.73 4.50
CA PHE A 39 -7.06 7.43 5.76
C PHE A 39 -5.70 7.04 6.30
N SER A 40 -5.16 7.85 7.24
CA SER A 40 -3.90 7.56 7.92
C SER A 40 -4.15 6.38 8.89
N ALA A 41 -3.07 5.81 9.45
CA ALA A 41 -3.17 4.72 10.42
C ALA A 41 -3.89 5.21 11.69
N GLU A 42 -3.67 6.51 12.04
CA GLU A 42 -4.26 7.18 13.20
CA GLU A 42 -4.24 7.23 13.18
C GLU A 42 -5.77 7.30 13.06
N GLU A 43 -6.27 7.75 11.87
CA GLU A 43 -7.69 7.90 11.57
C GLU A 43 -8.36 6.52 11.51
N ASN A 44 -7.65 5.52 10.94
CA ASN A 44 -8.12 4.15 10.84
C ASN A 44 -8.24 3.45 12.18
N PHE A 45 -7.36 3.79 13.14
CA PHE A 45 -7.43 3.22 14.49
C PHE A 45 -8.70 3.69 15.19
N LEU A 46 -9.08 4.98 14.98
CA LEU A 46 -10.29 5.61 15.51
C LEU A 46 -11.55 5.02 14.87
N ILE A 47 -11.51 4.74 13.54
CA ILE A 47 -12.62 4.12 12.81
C ILE A 47 -12.83 2.72 13.40
N LEU A 48 -11.73 1.95 13.59
CA LEU A 48 -11.76 0.60 14.16
C LEU A 48 -12.43 0.56 15.56
N THR A 49 -12.00 1.46 16.43
CA THR A 49 -12.41 1.63 17.83
C THR A 49 -13.92 1.98 17.93
N GLU A 50 -14.43 2.93 17.09
CA GLU A 50 -15.85 3.29 17.07
C GLU A 50 -16.67 2.14 16.49
N MET A 51 -16.15 1.47 15.42
CA MET A 51 -16.83 0.31 14.82
C MET A 51 -17.02 -0.81 15.84
N ALA A 52 -15.95 -1.11 16.59
CA ALA A 52 -15.92 -2.13 17.63
C ALA A 52 -16.80 -1.79 18.83
N THR A 53 -16.92 -0.49 19.18
CA THR A 53 -17.77 -0.04 20.28
C THR A 53 -19.24 -0.22 19.89
N ASN A 54 -19.60 0.18 18.66
CA ASN A 54 -20.95 -0.03 18.18
C ASN A 54 -21.26 -1.54 18.06
N HIS A 55 -20.28 -2.34 17.57
CA HIS A 55 -20.48 -3.78 17.47
C HIS A 55 -20.82 -4.44 18.83
N VAL A 56 -20.03 -4.14 19.88
CA VAL A 56 -20.23 -4.70 21.24
C VAL A 56 -21.61 -4.32 21.80
N GLN A 57 -22.03 -3.05 21.62
CA GLN A 57 -23.33 -2.56 22.09
C GLN A 57 -24.48 -3.32 21.44
N VAL A 58 -24.44 -3.46 20.10
CA VAL A 58 -25.45 -4.19 19.32
C VAL A 58 -25.40 -5.70 19.66
N LEU A 59 -24.19 -6.24 19.90
CA LEU A 59 -23.99 -7.65 20.27
C LEU A 59 -24.69 -7.98 21.60
N VAL A 60 -24.57 -7.09 22.62
CA VAL A 60 -25.23 -7.26 23.92
C VAL A 60 -26.76 -7.34 23.71
N GLU A 61 -27.33 -6.42 22.88
CA GLU A 61 -28.76 -6.41 22.57
C GLU A 61 -29.18 -7.68 21.82
N PHE A 62 -28.38 -8.15 20.83
CA PHE A 62 -28.67 -9.41 20.10
C PHE A 62 -28.64 -10.60 21.07
N THR A 63 -27.61 -10.67 21.95
CA THR A 63 -27.39 -11.72 22.96
C THR A 63 -28.54 -11.82 23.96
N LYS A 64 -29.05 -10.67 24.42
CA LYS A 64 -30.17 -10.60 25.36
C LYS A 64 -31.46 -11.17 24.76
N LYS A 65 -31.64 -11.05 23.44
CA LYS A 65 -32.83 -11.57 22.75
C LYS A 65 -32.74 -13.07 22.48
N LEU A 66 -31.54 -13.68 22.59
CA LEU A 66 -31.36 -15.10 22.33
C LEU A 66 -32.24 -15.91 23.26
N PRO A 67 -33.13 -16.78 22.71
CA PRO A 67 -34.04 -17.56 23.58
C PRO A 67 -33.36 -18.29 24.74
N GLY A 68 -33.81 -17.94 25.93
CA GLY A 68 -33.35 -18.50 27.20
C GLY A 68 -32.15 -17.83 27.82
N PHE A 69 -31.47 -16.89 27.10
CA PHE A 69 -30.27 -16.21 27.62
C PHE A 69 -30.50 -15.50 28.96
N GLN A 70 -31.64 -14.82 29.13
CA GLN A 70 -31.98 -14.11 30.36
C GLN A 70 -32.23 -15.06 31.56
N THR A 71 -32.53 -16.35 31.30
CA THR A 71 -32.76 -17.35 32.35
C THR A 71 -31.44 -17.88 32.94
N LEU A 72 -30.31 -17.62 32.27
CA LEU A 72 -28.99 -18.08 32.73
C LEU A 72 -28.48 -17.28 33.90
N ASP A 73 -27.56 -17.89 34.68
CA ASP A 73 -26.89 -17.27 35.82
C ASP A 73 -26.15 -16.02 35.30
N HIS A 74 -26.30 -14.88 36.02
CA HIS A 74 -25.74 -13.58 35.64
C HIS A 74 -24.22 -13.59 35.42
N GLU A 75 -23.48 -14.36 36.22
CA GLU A 75 -22.02 -14.46 36.06
C GLU A 75 -21.67 -15.21 34.78
N ASP A 76 -22.47 -16.25 34.43
CA ASP A 76 -22.31 -17.03 33.21
C ASP A 76 -22.66 -16.20 31.98
N GLN A 77 -23.67 -15.31 32.12
CA GLN A 77 -24.11 -14.39 31.06
C GLN A 77 -22.95 -13.45 30.67
N ILE A 78 -22.22 -12.94 31.68
CA ILE A 78 -21.07 -12.06 31.47
C ILE A 78 -19.94 -12.85 30.79
N ALA A 79 -19.68 -14.09 31.28
CA ALA A 79 -18.64 -14.97 30.75
C ALA A 79 -18.90 -15.34 29.28
N LEU A 80 -20.18 -15.52 28.88
CA LEU A 80 -20.51 -15.81 27.48
C LEU A 80 -20.26 -14.60 26.58
N LEU A 81 -20.66 -13.41 27.03
CA LEU A 81 -20.49 -12.16 26.30
C LEU A 81 -19.02 -11.84 26.09
N LYS A 82 -18.24 -11.93 27.18
CA LYS A 82 -16.80 -11.69 27.20
C LYS A 82 -16.04 -12.69 26.33
N GLY A 83 -16.42 -13.97 26.41
CA GLY A 83 -15.78 -15.04 25.65
C GLY A 83 -16.07 -15.04 24.16
N SER A 84 -17.17 -14.40 23.73
CA SER A 84 -17.57 -14.40 22.31
C SER A 84 -17.37 -13.11 21.52
N ALA A 85 -17.25 -11.94 22.20
CA ALA A 85 -17.22 -10.63 21.57
C ALA A 85 -16.23 -10.46 20.42
N VAL A 86 -14.98 -10.93 20.60
CA VAL A 86 -13.95 -10.81 19.56
C VAL A 86 -14.26 -11.74 18.37
N GLU A 87 -14.68 -12.99 18.63
CA GLU A 87 -15.05 -13.96 17.59
C GLU A 87 -16.23 -13.45 16.75
N ALA A 88 -17.26 -12.88 17.41
CA ALA A 88 -18.44 -12.31 16.72
C ALA A 88 -18.03 -11.15 15.81
N MET A 89 -17.09 -10.31 16.30
CA MET A 89 -16.57 -9.17 15.56
C MET A 89 -15.87 -9.64 14.28
N PHE A 90 -15.00 -10.67 14.38
CA PHE A 90 -14.31 -11.25 13.23
C PHE A 90 -15.26 -11.96 12.27
N LEU A 91 -16.34 -12.57 12.80
CA LEU A 91 -17.34 -13.22 11.95
C LEU A 91 -18.11 -12.16 11.14
N ARG A 92 -18.50 -11.04 11.80
CA ARG A 92 -19.16 -9.92 11.15
C ARG A 92 -18.24 -9.25 10.10
N SER A 93 -16.93 -9.08 10.41
CA SER A 93 -15.98 -8.47 9.46
CA SER A 93 -16.01 -8.46 9.46
C SER A 93 -15.79 -9.37 8.26
N ALA A 94 -15.79 -10.72 8.48
CA ALA A 94 -15.66 -11.72 7.39
C ALA A 94 -16.89 -11.64 6.48
N GLU A 95 -18.09 -11.49 7.07
CA GLU A 95 -19.34 -11.34 6.33
C GLU A 95 -19.29 -10.08 5.44
N ILE A 96 -18.95 -8.94 6.04
CA ILE A 96 -18.85 -7.65 5.36
C ILE A 96 -17.80 -7.71 4.25
N PHE A 97 -16.62 -8.29 4.52
CA PHE A 97 -15.53 -8.45 3.55
C PHE A 97 -15.99 -9.23 2.29
N ASN A 98 -16.88 -10.22 2.48
CA ASN A 98 -17.36 -11.09 1.41
C ASN A 98 -18.65 -10.61 0.73
N LYS A 99 -19.25 -9.48 1.16
CA LYS A 99 -20.44 -8.92 0.52
C LYS A 99 -20.04 -8.48 -0.90
N LYS A 100 -20.81 -8.92 -1.92
CA LYS A 100 -20.54 -8.60 -3.33
C LYS A 100 -20.58 -7.10 -3.58
N LEU A 101 -19.52 -6.59 -4.22
CA LEU A 101 -19.35 -5.17 -4.54
C LEU A 101 -19.05 -4.98 -6.04
N PRO A 102 -19.21 -3.77 -6.63
CA PRO A 102 -18.86 -3.59 -8.06
C PRO A 102 -17.41 -3.94 -8.38
N SER A 103 -17.10 -4.21 -9.68
CA SER A 103 -15.77 -4.58 -10.17
CA SER A 103 -15.77 -4.58 -10.17
C SER A 103 -14.66 -3.66 -9.66
N GLY A 104 -13.62 -4.27 -9.07
CA GLY A 104 -12.48 -3.57 -8.52
C GLY A 104 -12.58 -3.15 -7.06
N HIS A 105 -13.82 -2.97 -6.54
CA HIS A 105 -14.09 -2.52 -5.17
C HIS A 105 -13.57 -3.45 -4.09
N SER A 106 -13.80 -4.78 -4.20
CA SER A 106 -13.30 -5.74 -3.21
C SER A 106 -11.77 -5.81 -3.15
N ASP A 107 -11.10 -5.57 -4.30
CA ASP A 107 -9.64 -5.53 -4.40
C ASP A 107 -9.10 -4.27 -3.72
N LEU A 108 -9.81 -3.13 -3.87
CA LEU A 108 -9.42 -1.87 -3.23
C LEU A 108 -9.68 -1.96 -1.74
N LEU A 109 -10.82 -2.54 -1.33
CA LEU A 109 -11.19 -2.73 0.06
C LEU A 109 -10.09 -3.55 0.77
N GLU A 110 -9.65 -4.66 0.15
CA GLU A 110 -8.59 -5.53 0.66
C GLU A 110 -7.27 -4.77 0.81
N ALA A 111 -6.85 -3.99 -0.23
CA ALA A 111 -5.63 -3.18 -0.22
C ALA A 111 -5.70 -2.09 0.86
N ARG A 112 -6.89 -1.48 1.06
CA ARG A 112 -7.09 -0.43 2.05
C ARG A 112 -7.07 -1.00 3.48
N ILE A 113 -7.55 -2.22 3.68
CA ILE A 113 -7.50 -2.90 4.98
C ILE A 113 -6.03 -3.31 5.26
N ARG A 114 -5.31 -3.74 4.23
CA ARG A 114 -3.90 -4.09 4.31
C ARG A 114 -3.02 -2.93 4.78
N ASN A 115 -3.35 -1.69 4.34
CA ASN A 115 -2.58 -0.50 4.68
C ASN A 115 -3.26 0.38 5.76
N SER A 116 -4.17 -0.23 6.54
CA SER A 116 -4.90 0.42 7.61
C SER A 116 -4.05 0.84 8.82
N GLY A 117 -2.93 0.17 9.06
CA GLY A 117 -2.06 0.43 10.19
C GLY A 117 -1.73 -0.82 10.98
N ILE A 118 -2.47 -1.90 10.72
CA ILE A 118 -2.29 -3.23 11.32
C ILE A 118 -0.92 -3.81 10.89
N SER A 119 -0.28 -4.54 11.81
CA SER A 119 1.01 -5.21 11.60
C SER A 119 0.87 -6.36 10.59
N ASP A 120 1.90 -6.54 9.74
CA ASP A 120 2.03 -7.54 8.66
C ASP A 120 1.73 -8.96 9.10
N GLU A 121 2.23 -9.32 10.30
CA GLU A 121 2.12 -10.60 10.99
C GLU A 121 0.67 -11.08 11.11
N TYR A 122 -0.27 -10.13 11.22
CA TYR A 122 -1.68 -10.37 11.44
C TYR A 122 -2.53 -10.30 10.17
N ILE A 123 -1.98 -9.76 9.07
CA ILE A 123 -2.69 -9.60 7.80
C ILE A 123 -3.02 -10.97 7.15
N THR A 124 -2.01 -11.85 7.00
CA THR A 124 -2.15 -13.17 6.37
C THR A 124 -3.17 -14.06 7.12
N PRO A 125 -3.08 -14.32 8.46
CA PRO A 125 -4.12 -15.16 9.10
C PRO A 125 -5.54 -14.57 9.04
N MET A 126 -5.68 -13.21 9.08
CA MET A 126 -6.97 -12.52 8.98
C MET A 126 -7.60 -12.72 7.60
N PHE A 127 -6.83 -12.49 6.51
CA PHE A 127 -7.34 -12.65 5.14
C PHE A 127 -7.58 -14.12 4.76
N SER A 128 -6.79 -15.05 5.35
CA SER A 128 -6.90 -16.51 5.16
C SER A 128 -8.28 -16.95 5.67
N PHE A 129 -8.67 -16.44 6.85
CA PHE A 129 -9.98 -16.71 7.45
C PHE A 129 -11.12 -16.10 6.63
N TYR A 130 -10.96 -14.84 6.15
CA TYR A 130 -11.99 -14.14 5.35
C TYR A 130 -12.27 -14.87 4.03
N LYS A 131 -11.21 -15.35 3.37
CA LYS A 131 -11.34 -16.03 2.08
C LYS A 131 -11.97 -17.43 2.22
N SER A 132 -11.72 -18.12 3.34
CA SER A 132 -12.27 -19.44 3.67
C SER A 132 -13.77 -19.31 3.96
N ILE A 133 -14.17 -18.20 4.62
CA ILE A 133 -15.57 -17.88 4.90
C ILE A 133 -16.29 -17.64 3.56
N GLY A 134 -15.64 -16.86 2.70
CA GLY A 134 -16.12 -16.49 1.37
C GLY A 134 -16.44 -17.65 0.46
N GLU A 135 -15.60 -18.70 0.48
CA GLU A 135 -15.76 -19.90 -0.35
C GLU A 135 -16.98 -20.73 0.07
N LEU A 136 -17.42 -20.59 1.34
CA LEU A 136 -18.58 -21.30 1.85
C LEU A 136 -19.92 -20.74 1.38
N LYS A 137 -19.90 -19.57 0.69
CA LYS A 137 -21.06 -18.87 0.11
C LYS A 137 -22.28 -18.87 1.07
N MET A 138 -22.02 -18.45 2.31
CA MET A 138 -22.99 -18.41 3.41
C MET A 138 -24.10 -17.42 3.18
N THR A 139 -25.32 -17.80 3.56
CA THR A 139 -26.49 -16.93 3.46
C THR A 139 -26.51 -16.07 4.73
N GLN A 140 -27.36 -15.03 4.76
CA GLN A 140 -27.55 -14.16 5.92
C GLN A 140 -27.98 -14.97 7.17
N GLU A 141 -28.86 -15.97 6.96
CA GLU A 141 -29.39 -16.86 7.98
C GLU A 141 -28.29 -17.70 8.62
N GLU A 142 -27.33 -18.14 7.79
CA GLU A 142 -26.19 -18.92 8.27
C GLU A 142 -25.28 -18.07 9.15
N TYR A 143 -24.99 -16.82 8.72
CA TYR A 143 -24.18 -15.89 9.53
C TYR A 143 -24.87 -15.61 10.85
N ALA A 144 -26.19 -15.36 10.83
CA ALA A 144 -26.99 -15.07 12.03
C ALA A 144 -26.97 -16.21 13.02
N LEU A 145 -27.26 -17.45 12.54
CA LEU A 145 -27.25 -18.66 13.36
C LEU A 145 -25.87 -18.96 13.91
N LEU A 146 -24.84 -18.84 13.07
CA LEU A 146 -23.45 -19.09 13.46
C LEU A 146 -22.99 -18.11 14.56
N THR A 147 -23.43 -16.83 14.47
CA THR A 147 -23.13 -15.80 15.50
C THR A 147 -23.76 -16.22 16.84
N ALA A 148 -25.07 -16.58 16.81
CA ALA A 148 -25.80 -17.07 17.99
C ALA A 148 -25.13 -18.29 18.62
N ILE A 149 -24.63 -19.24 17.79
CA ILE A 149 -23.95 -20.46 18.23
C ILE A 149 -22.60 -20.13 18.91
N VAL A 150 -21.87 -19.16 18.35
CA VAL A 150 -20.60 -18.64 18.90
C VAL A 150 -20.83 -18.06 20.31
N ILE A 151 -21.90 -17.26 20.48
CA ILE A 151 -22.25 -16.63 21.75
C ILE A 151 -22.62 -17.68 22.81
N LEU A 152 -23.44 -18.66 22.41
CA LEU A 152 -23.93 -19.71 23.30
C LEU A 152 -23.00 -20.93 23.30
N SER A 153 -21.70 -20.70 23.37
CA SER A 153 -20.70 -21.76 23.42
C SER A 153 -20.53 -22.23 24.85
N PRO A 154 -20.87 -23.51 25.15
CA PRO A 154 -20.74 -24.00 26.54
C PRO A 154 -19.31 -24.20 27.01
N ASP A 155 -18.40 -24.43 26.06
CA ASP A 155 -16.97 -24.67 26.24
C ASP A 155 -16.16 -23.38 26.44
N ARG A 156 -16.81 -22.31 26.98
CA ARG A 156 -16.21 -21.01 27.31
C ARG A 156 -15.63 -21.09 28.74
N GLN A 157 -14.50 -20.41 28.97
CA GLN A 157 -13.85 -20.40 30.29
C GLN A 157 -14.72 -19.62 31.28
N TYR A 158 -14.78 -20.10 32.53
CA TYR A 158 -15.49 -19.52 33.68
C TYR A 158 -17.01 -19.82 33.65
N ILE A 159 -17.45 -20.76 32.78
CA ILE A 159 -18.86 -21.14 32.72
C ILE A 159 -19.13 -22.13 33.85
N LYS A 160 -19.97 -21.71 34.81
CA LYS A 160 -20.36 -22.49 35.97
C LYS A 160 -21.28 -23.64 35.57
N ASP A 161 -22.36 -23.33 34.83
CA ASP A 161 -23.33 -24.31 34.39
C ASP A 161 -23.29 -24.48 32.86
N ARG A 162 -22.40 -25.39 32.40
CA ARG A 162 -22.18 -25.72 30.98
C ARG A 162 -23.42 -26.32 30.32
N GLU A 163 -24.14 -27.19 31.06
CA GLU A 163 -25.35 -27.88 30.63
C GLU A 163 -26.49 -26.93 30.27
N ALA A 164 -26.70 -25.85 31.07
CA ALA A 164 -27.74 -24.84 30.80
C ALA A 164 -27.46 -24.11 29.46
N VAL A 165 -26.19 -23.84 29.15
CA VAL A 165 -25.74 -23.17 27.92
C VAL A 165 -25.92 -24.13 26.74
N GLU A 166 -25.52 -25.40 26.92
CA GLU A 166 -25.67 -26.46 25.94
C GLU A 166 -27.11 -26.62 25.48
N LYS A 167 -28.09 -26.60 26.43
CA LYS A 167 -29.51 -26.68 26.12
C LYS A 167 -29.99 -25.54 25.22
N LEU A 168 -29.40 -24.33 25.37
CA LEU A 168 -29.76 -23.18 24.53
C LEU A 168 -29.09 -23.22 23.15
N GLN A 169 -27.87 -23.77 23.06
CA GLN A 169 -27.14 -23.85 21.79
C GLN A 169 -27.67 -24.94 20.85
N GLU A 170 -28.03 -26.12 21.41
CA GLU A 170 -28.52 -27.29 20.67
C GLU A 170 -29.64 -26.96 19.64
N PRO A 171 -30.74 -26.22 19.97
CA PRO A 171 -31.75 -25.92 18.94
C PRO A 171 -31.24 -25.06 17.78
N LEU A 172 -30.25 -24.20 18.03
CA LEU A 172 -29.63 -23.36 16.99
C LEU A 172 -28.76 -24.19 16.05
N LEU A 173 -28.02 -25.16 16.60
CA LEU A 173 -27.21 -26.10 15.81
C LEU A 173 -28.12 -26.96 14.90
N ASP A 174 -29.25 -27.45 15.44
CA ASP A 174 -30.24 -28.24 14.70
C ASP A 174 -30.83 -27.45 13.51
N VAL A 175 -31.19 -26.17 13.72
CA VAL A 175 -31.69 -25.28 12.66
C VAL A 175 -30.61 -25.05 11.58
N LEU A 176 -29.38 -24.72 12.01
CA LEU A 176 -28.27 -24.50 11.07
C LEU A 176 -28.00 -25.74 10.23
N GLN A 177 -27.99 -26.94 10.84
CA GLN A 177 -27.77 -28.21 10.14
C GLN A 177 -28.82 -28.42 9.01
N LYS A 178 -30.11 -28.22 9.33
CA LYS A 178 -31.22 -28.30 8.36
C LYS A 178 -31.03 -27.28 7.21
N LEU A 179 -30.64 -26.03 7.53
CA LEU A 179 -30.39 -24.97 6.57
C LEU A 179 -29.25 -25.29 5.61
N CYS A 180 -28.16 -25.93 6.12
CA CYS A 180 -27.02 -26.35 5.31
C CYS A 180 -27.44 -27.42 4.29
N LYS A 181 -28.30 -28.37 4.71
CA LYS A 181 -28.84 -29.46 3.89
C LYS A 181 -29.81 -28.95 2.80
N ILE A 182 -30.49 -27.82 3.06
CA ILE A 182 -31.45 -27.16 2.16
C ILE A 182 -30.73 -26.21 1.18
N HIS A 183 -29.81 -25.36 1.69
CA HIS A 183 -29.05 -24.40 0.88
C HIS A 183 -27.99 -25.07 -0.01
N GLN A 184 -27.22 -26.04 0.54
CA GLN A 184 -26.18 -26.72 -0.23
C GLN A 184 -26.34 -28.25 -0.21
N PRO A 185 -27.33 -28.83 -0.95
CA PRO A 185 -27.48 -30.30 -0.96
C PRO A 185 -26.32 -31.03 -1.63
N GLU A 186 -25.64 -30.39 -2.61
CA GLU A 186 -24.48 -30.93 -3.33
C GLU A 186 -23.27 -31.14 -2.40
N ASN A 187 -23.12 -30.27 -1.38
CA ASN A 187 -22.04 -30.33 -0.41
C ASN A 187 -22.56 -30.80 0.97
N PRO A 188 -22.57 -32.12 1.26
CA PRO A 188 -23.08 -32.59 2.57
C PRO A 188 -22.07 -32.39 3.70
N GLN A 189 -20.91 -31.80 3.39
CA GLN A 189 -19.87 -31.47 4.35
C GLN A 189 -20.03 -30.01 4.80
N HIS A 190 -21.03 -29.28 4.24
CA HIS A 190 -21.26 -27.85 4.51
C HIS A 190 -21.45 -27.52 5.99
N PHE A 191 -22.29 -28.29 6.71
CA PHE A 191 -22.51 -28.03 8.14
C PHE A 191 -21.22 -28.20 8.93
N ALA A 192 -20.49 -29.31 8.69
CA ALA A 192 -19.20 -29.60 9.31
C ALA A 192 -18.19 -28.50 8.99
N CYS A 193 -18.15 -28.05 7.71
CA CYS A 193 -17.32 -26.96 7.17
C CYS A 193 -17.57 -25.67 7.99
N LEU A 194 -18.87 -25.33 8.24
CA LEU A 194 -19.27 -24.17 9.02
C LEU A 194 -18.78 -24.26 10.46
N LEU A 195 -18.93 -25.44 11.12
CA LEU A 195 -18.47 -25.64 12.51
C LEU A 195 -16.93 -25.62 12.57
N GLY A 196 -16.32 -26.01 11.45
CA GLY A 196 -14.89 -25.98 11.19
C GLY A 196 -14.36 -24.56 11.21
N ARG A 197 -15.11 -23.61 10.63
CA ARG A 197 -14.75 -22.18 10.62
C ARG A 197 -14.78 -21.60 12.04
N LEU A 198 -15.72 -22.06 12.89
CA LEU A 198 -15.87 -21.63 14.27
C LEU A 198 -14.65 -21.91 15.11
N THR A 199 -14.00 -23.07 14.85
CA THR A 199 -12.78 -23.50 15.53
C THR A 199 -11.61 -22.57 15.16
N GLU A 200 -11.60 -22.05 13.91
CA GLU A 200 -10.58 -21.11 13.40
C GLU A 200 -10.75 -19.70 14.00
N LEU A 201 -12.02 -19.26 14.21
CA LEU A 201 -12.39 -17.98 14.82
C LEU A 201 -11.71 -17.78 16.17
N ARG A 202 -11.65 -18.85 16.97
CA ARG A 202 -11.09 -18.88 18.32
C ARG A 202 -9.61 -18.45 18.41
N THR A 203 -8.83 -18.62 17.33
CA THR A 203 -7.40 -18.26 17.27
C THR A 203 -7.18 -16.76 17.36
N PHE A 204 -8.12 -15.96 16.78
CA PHE A 204 -8.09 -14.50 16.79
C PHE A 204 -8.21 -13.95 18.20
N ASN A 205 -8.79 -14.73 19.13
CA ASN A 205 -8.96 -14.39 20.55
C ASN A 205 -7.63 -14.24 21.23
N HIS A 206 -6.71 -15.14 20.89
CA HIS A 206 -5.41 -15.21 21.51
C HIS A 206 -4.52 -14.02 21.19
N HIS A 207 -4.46 -13.59 19.92
CA HIS A 207 -3.55 -12.50 19.58
C HIS A 207 -4.24 -11.17 19.27
N HIS A 208 -5.56 -11.05 19.61
CA HIS A 208 -6.33 -9.83 19.37
CA HIS A 208 -6.34 -9.82 19.37
C HIS A 208 -5.69 -8.59 20.02
N ALA A 209 -5.31 -8.68 21.30
CA ALA A 209 -4.67 -7.59 22.05
C ALA A 209 -3.37 -7.15 21.40
N GLU A 210 -2.54 -8.11 20.96
CA GLU A 210 -1.29 -7.82 20.26
C GLU A 210 -1.51 -7.20 18.88
N MET A 211 -2.58 -7.59 18.14
CA MET A 211 -2.81 -7.01 16.81
C MET A 211 -3.31 -5.57 16.96
N LEU A 212 -3.96 -5.26 18.10
CA LEU A 212 -4.42 -3.90 18.42
C LEU A 212 -3.24 -3.04 18.82
N MET A 213 -2.37 -3.56 19.73
CA MET A 213 -1.20 -2.84 20.24
C MET A 213 -0.09 -2.68 19.20
N SER A 214 -0.07 -3.52 18.15
CA SER A 214 0.94 -3.45 17.10
C SER A 214 0.56 -2.43 16.02
N TRP A 215 -0.69 -1.87 16.10
CA TRP A 215 -1.18 -0.86 15.17
C TRP A 215 -0.19 0.30 15.11
N ARG A 216 0.15 0.75 13.90
CA ARG A 216 1.15 1.79 13.66
C ARG A 216 0.66 3.19 14.04
N VAL A 217 0.39 3.39 15.33
CA VAL A 217 -0.05 4.67 15.93
C VAL A 217 0.77 4.89 17.19
N ASN A 218 0.91 6.17 17.58
CA ASN A 218 1.68 6.55 18.77
C ASN A 218 0.94 6.21 20.05
N ASP A 219 -0.38 6.47 20.10
CA ASP A 219 -1.23 6.20 21.26
C ASP A 219 -2.37 5.28 20.90
N HIS A 220 -2.61 4.27 21.76
CA HIS A 220 -3.67 3.28 21.58
C HIS A 220 -4.79 3.55 22.56
N LYS A 221 -5.66 4.50 22.20
CA LYS A 221 -6.79 4.89 23.04
C LYS A 221 -8.00 4.02 22.77
N PHE A 222 -8.50 3.42 23.85
CA PHE A 222 -9.67 2.55 23.89
C PHE A 222 -10.74 3.14 24.82
N THR A 223 -12.00 2.85 24.53
CA THR A 223 -13.14 3.33 25.30
C THR A 223 -13.27 2.47 26.59
N PRO A 224 -13.94 2.94 27.68
CA PRO A 224 -14.07 2.08 28.86
C PRO A 224 -14.78 0.75 28.57
N LEU A 225 -15.74 0.73 27.62
CA LEU A 225 -16.45 -0.48 27.24
C LEU A 225 -15.51 -1.49 26.54
N LEU A 226 -14.65 -1.00 25.61
CA LEU A 226 -13.69 -1.83 24.91
C LEU A 226 -12.64 -2.41 25.87
N CYS A 227 -12.20 -1.62 26.87
CA CYS A 227 -11.25 -2.09 27.87
C CYS A 227 -11.79 -3.29 28.66
N GLU A 228 -13.12 -3.29 28.96
CA GLU A 228 -13.80 -4.36 29.70
C GLU A 228 -13.88 -5.64 28.89
N ILE A 229 -14.14 -5.53 27.59
CA ILE A 229 -14.35 -6.68 26.71
C ILE A 229 -13.07 -7.20 26.01
N TRP A 230 -12.07 -6.33 25.80
CA TRP A 230 -10.83 -6.68 25.12
C TRP A 230 -9.63 -6.88 26.06
N ASP A 231 -9.76 -6.46 27.33
CA ASP A 231 -8.69 -6.55 28.33
C ASP A 231 -7.42 -5.85 27.80
N VAL A 232 -7.60 -4.56 27.51
CA VAL A 232 -6.60 -3.60 27.01
C VAL A 232 -6.57 -2.46 28.03
N GLN A 233 -5.46 -1.68 28.06
CA GLN A 233 -5.15 -0.55 28.96
C GLN A 233 -4.85 -0.99 30.40
N LYS B 1 -16.72 -4.90 40.08
CA LYS B 1 -16.44 -3.76 39.22
C LYS B 1 -15.65 -4.16 37.95
N ASP B 2 -15.16 -5.42 37.91
CA ASP B 2 -14.37 -5.98 36.80
C ASP B 2 -15.06 -5.84 35.43
N HIS B 3 -16.39 -6.13 35.37
CA HIS B 3 -17.18 -6.01 34.15
C HIS B 3 -18.44 -5.17 34.45
N GLN B 4 -18.21 -4.00 35.07
CA GLN B 4 -19.24 -3.03 35.49
C GLN B 4 -20.17 -2.58 34.36
N LEU B 5 -19.61 -2.13 33.23
CA LEU B 5 -20.35 -1.65 32.04
C LEU B 5 -21.10 -2.80 31.37
N LEU B 6 -20.46 -3.99 31.33
CA LEU B 6 -21.05 -5.18 30.76
C LEU B 6 -22.24 -5.67 31.59
N ARG B 7 -22.08 -5.71 32.93
CA ARG B 7 -23.14 -6.10 33.87
C ARG B 7 -24.31 -5.12 33.73
N TYR B 8 -24.03 -3.81 33.62
CA TYR B 8 -25.06 -2.77 33.43
C TYR B 8 -25.87 -2.96 32.15
N LEU B 9 -25.19 -3.11 30.99
CA LEU B 9 -25.85 -3.33 29.69
C LEU B 9 -26.69 -4.63 29.67
N LEU B 10 -26.22 -5.68 30.36
CA LEU B 10 -26.91 -6.97 30.48
C LEU B 10 -28.16 -6.87 31.35
N ASP B 11 -28.09 -6.14 32.47
CA ASP B 11 -29.22 -6.02 33.38
C ASP B 11 -30.26 -5.01 32.83
N LYS B 12 -29.85 -3.71 32.69
CA LYS B 12 -30.58 -2.53 32.17
C LYS B 12 -32.10 -2.48 32.49
N MET C 4 6.59 -2.25 3.54
CA MET C 4 6.88 -2.09 4.95
C MET C 4 7.50 -0.71 5.25
N GLU C 5 7.51 -0.33 6.53
CA GLU C 5 8.06 0.94 7.05
C GLU C 5 9.58 1.05 6.90
N LEU C 6 10.08 2.28 6.68
CA LEU C 6 11.53 2.53 6.59
C LEU C 6 12.14 2.44 7.99
N THR C 7 13.38 1.92 8.07
CA THR C 7 14.12 1.81 9.32
C THR C 7 14.81 3.16 9.59
N PRO C 8 15.34 3.42 10.82
CA PRO C 8 16.04 4.68 11.07
C PRO C 8 17.28 4.88 10.17
N ASP C 9 17.95 3.76 9.81
CA ASP C 9 19.13 3.73 8.92
C ASP C 9 18.73 4.12 7.50
N GLN C 10 17.57 3.62 7.02
CA GLN C 10 17.06 3.92 5.68
C GLN C 10 16.61 5.37 5.55
N GLN C 11 16.01 5.91 6.62
CA GLN C 11 15.54 7.29 6.74
C GLN C 11 16.73 8.27 6.64
N THR C 12 17.86 7.89 7.28
CA THR C 12 19.15 8.60 7.25
C THR C 12 19.72 8.54 5.83
N LEU C 13 19.71 7.34 5.19
CA LEU C 13 20.16 7.15 3.81
C LEU C 13 19.33 8.05 2.87
N LEU C 14 17.99 8.01 2.99
CA LEU C 14 17.03 8.79 2.20
C LEU C 14 17.28 10.29 2.31
N HIS C 15 17.41 10.84 3.53
CA HIS C 15 17.65 12.26 3.73
C HIS C 15 18.99 12.71 3.18
N PHE C 16 20.01 11.83 3.24
CA PHE C 16 21.34 12.11 2.69
C PHE C 16 21.30 12.15 1.16
N ILE C 17 20.56 11.21 0.52
CA ILE C 17 20.39 11.16 -0.93
C ILE C 17 19.60 12.42 -1.36
N MET C 18 18.56 12.80 -0.58
CA MET C 18 17.74 13.97 -0.87
C MET C 18 18.54 15.26 -0.89
N ASP C 19 19.37 15.50 0.15
CA ASP C 19 20.21 16.69 0.26
C ASP C 19 21.19 16.78 -0.88
N SER C 20 21.78 15.64 -1.28
CA SER C 20 22.73 15.55 -2.39
C SER C 20 22.02 15.84 -3.72
N TYR C 21 20.78 15.30 -3.89
CA TYR C 21 19.95 15.48 -5.09
C TYR C 21 19.50 16.93 -5.26
N ASN C 22 19.21 17.62 -4.14
CA ASN C 22 18.75 19.01 -4.11
C ASN C 22 19.80 20.06 -4.50
N LYS C 23 21.07 19.65 -4.67
CA LYS C 23 22.16 20.53 -5.09
C LYS C 23 22.07 20.88 -6.59
N GLN C 24 21.18 20.20 -7.32
CA GLN C 24 20.97 20.41 -8.76
C GLN C 24 20.34 21.76 -9.05
N ARG C 25 20.53 22.25 -10.28
CA ARG C 25 19.95 23.49 -10.79
C ARG C 25 18.41 23.34 -10.69
N MET C 26 17.74 24.35 -10.12
CA MET C 26 16.30 24.34 -9.89
C MET C 26 15.47 24.19 -11.17
N PRO C 27 14.37 23.40 -11.15
CA PRO C 27 13.52 23.24 -12.37
C PRO C 27 13.09 24.58 -12.99
N GLN C 28 12.76 25.60 -12.14
CA GLN C 28 12.36 26.95 -12.55
C GLN C 28 13.39 27.68 -13.39
N GLU C 29 14.70 27.50 -13.11
CA GLU C 29 15.80 28.15 -13.84
C GLU C 29 15.76 27.82 -15.34
N ILE C 30 15.42 26.57 -15.64
CA ILE C 30 15.32 25.98 -16.96
C ILE C 30 13.99 26.39 -17.65
N THR C 31 12.85 26.15 -16.97
CA THR C 31 11.52 26.42 -17.52
C THR C 31 11.26 27.92 -17.69
N ASN C 32 11.74 28.79 -16.76
CA ASN C 32 11.58 30.24 -16.92
C ASN C 32 12.25 30.74 -18.19
N LYS C 33 13.48 30.23 -18.48
CA LYS C 33 14.24 30.59 -19.68
C LYS C 33 13.50 30.20 -20.98
N ILE C 34 12.98 28.96 -21.05
CA ILE C 34 12.25 28.42 -22.20
C ILE C 34 10.91 29.15 -22.41
N LEU C 35 10.14 29.37 -21.33
CA LEU C 35 8.84 30.05 -21.42
C LEU C 35 8.90 31.56 -21.69
N LYS C 36 10.00 32.23 -21.30
CA LYS C 36 10.22 33.68 -21.45
C LYS C 36 10.15 34.17 -22.89
N GLU C 37 10.96 33.55 -23.78
CA GLU C 37 11.02 33.92 -25.19
C GLU C 37 11.44 32.72 -26.03
N ALA C 38 10.97 32.68 -27.28
CA ALA C 38 11.30 31.62 -28.23
C ALA C 38 12.69 31.89 -28.82
N PHE C 39 13.57 30.88 -28.77
CA PHE C 39 14.93 31.00 -29.28
C PHE C 39 15.06 30.26 -30.60
N SER C 40 16.10 30.58 -31.40
CA SER C 40 16.42 29.88 -32.64
C SER C 40 16.96 28.48 -32.28
N ALA C 41 17.12 27.60 -33.29
CA ALA C 41 17.68 26.26 -33.08
C ALA C 41 19.14 26.35 -32.63
N GLU C 42 19.87 27.38 -33.13
CA GLU C 42 21.27 27.67 -32.81
C GLU C 42 21.43 28.06 -31.34
N GLU C 43 20.55 28.98 -30.84
CA GLU C 43 20.57 29.44 -29.44
C GLU C 43 20.18 28.29 -28.52
N ASN C 44 19.19 27.47 -28.93
CA ASN C 44 18.71 26.31 -28.18
C ASN C 44 19.75 25.20 -28.08
N PHE C 45 20.61 25.04 -29.11
CA PHE C 45 21.68 24.04 -29.07
C PHE C 45 22.71 24.42 -27.99
N LEU C 46 22.99 25.72 -27.86
CA LEU C 46 23.89 26.30 -26.85
C LEU C 46 23.30 26.18 -25.44
N ILE C 47 21.99 26.40 -25.30
CA ILE C 47 21.29 26.25 -24.02
C ILE C 47 21.39 24.76 -23.60
N LEU C 48 21.14 23.83 -24.53
CA LEU C 48 21.22 22.38 -24.30
C LEU C 48 22.60 21.95 -23.78
N THR C 49 23.66 22.43 -24.46
CA THR C 49 25.07 22.15 -24.22
C THR C 49 25.52 22.66 -22.81
N GLU C 50 25.12 23.88 -22.42
CA GLU C 50 25.44 24.43 -21.10
C GLU C 50 24.65 23.70 -20.01
N MET C 51 23.36 23.38 -20.29
CA MET C 51 22.52 22.62 -19.34
C MET C 51 23.13 21.26 -19.04
N ALA C 52 23.57 20.56 -20.11
CA ALA C 52 24.19 19.25 -20.04
C ALA C 52 25.55 19.28 -19.36
N THR C 53 26.33 20.38 -19.52
CA THR C 53 27.65 20.54 -18.88
C THR C 53 27.45 20.70 -17.37
N ASN C 54 26.48 21.56 -16.97
CA ASN C 54 26.18 21.75 -15.55
C ASN C 54 25.62 20.43 -14.96
N HIS C 55 24.75 19.73 -15.71
CA HIS C 55 24.18 18.47 -15.24
C HIS C 55 25.27 17.42 -14.92
N VAL C 56 26.22 17.19 -15.85
CA VAL C 56 27.33 16.22 -15.69
C VAL C 56 28.20 16.58 -14.46
N GLN C 57 28.54 17.86 -14.26
CA GLN C 57 29.34 18.31 -13.12
C GLN C 57 28.66 18.00 -11.79
N VAL C 58 27.38 18.34 -11.68
CA VAL C 58 26.58 18.11 -10.47
C VAL C 58 26.35 16.60 -10.28
N LEU C 59 26.19 15.84 -11.38
CA LEU C 59 26.02 14.39 -11.36
C LEU C 59 27.24 13.69 -10.76
N VAL C 60 28.47 14.12 -11.14
CA VAL C 60 29.72 13.57 -10.59
C VAL C 60 29.74 13.77 -9.07
N GLU C 61 29.38 14.98 -8.60
CA GLU C 61 29.31 15.29 -7.16
C GLU C 61 28.26 14.43 -6.44
N PHE C 62 27.06 14.26 -7.05
CA PHE C 62 26.01 13.40 -6.48
C PHE C 62 26.49 11.92 -6.39
N THR C 63 27.12 11.43 -7.48
CA THR C 63 27.64 10.05 -7.62
C THR C 63 28.72 9.74 -6.58
N LYS C 64 29.62 10.70 -6.32
CA LYS C 64 30.70 10.57 -5.33
C LYS C 64 30.14 10.39 -3.92
N LYS C 65 28.99 11.02 -3.62
CA LYS C 65 28.37 10.94 -2.29
C LYS C 65 27.57 9.66 -2.10
N LEU C 66 27.28 8.90 -3.17
CA LEU C 66 26.55 7.64 -3.08
C LEU C 66 27.28 6.65 -2.18
N PRO C 67 26.63 6.16 -1.11
CA PRO C 67 27.33 5.25 -0.17
C PRO C 67 28.06 4.08 -0.83
N GLY C 68 29.36 4.04 -0.57
CA GLY C 68 30.27 3.02 -1.06
C GLY C 68 30.89 3.27 -2.43
N PHE C 69 30.43 4.32 -3.17
CA PHE C 69 30.93 4.61 -4.52
C PHE C 69 32.46 4.79 -4.58
N GLN C 70 33.02 5.52 -3.60
CA GLN C 70 34.45 5.78 -3.51
C GLN C 70 35.28 4.51 -3.24
N THR C 71 34.66 3.43 -2.69
CA THR C 71 35.34 2.16 -2.40
C THR C 71 35.49 1.29 -3.67
N LEU C 72 34.77 1.62 -4.75
CA LEU C 72 34.83 0.86 -6.00
C LEU C 72 36.13 1.12 -6.76
N ASP C 73 36.50 0.17 -7.64
CA ASP C 73 37.66 0.25 -8.53
C ASP C 73 37.49 1.51 -9.41
N HIS C 74 38.56 2.32 -9.53
CA HIS C 74 38.57 3.59 -10.26
C HIS C 74 38.12 3.46 -11.71
N GLU C 75 38.49 2.37 -12.40
CA GLU C 75 38.09 2.16 -13.80
C GLU C 75 36.59 1.89 -13.89
N ASP C 76 36.04 1.16 -12.88
CA ASP C 76 34.60 0.85 -12.79
C ASP C 76 33.80 2.11 -12.46
N GLN C 77 34.38 3.00 -11.64
CA GLN C 77 33.78 4.29 -11.25
C GLN C 77 33.57 5.15 -12.49
N ILE C 78 34.57 5.17 -13.40
CA ILE C 78 34.50 5.92 -14.67
C ILE C 78 33.43 5.31 -15.56
N ALA C 79 33.40 3.96 -15.66
CA ALA C 79 32.45 3.22 -16.46
C ALA C 79 31.00 3.44 -15.99
N LEU C 80 30.76 3.57 -14.67
CA LEU C 80 29.42 3.84 -14.15
C LEU C 80 28.96 5.24 -14.50
N LEU C 81 29.85 6.22 -14.36
CA LEU C 81 29.56 7.63 -14.66
C LEU C 81 29.26 7.82 -16.13
N LYS C 82 30.10 7.24 -16.99
CA LYS C 82 29.97 7.27 -18.44
C LYS C 82 28.69 6.56 -18.92
N GLY C 83 28.39 5.41 -18.34
CA GLY C 83 27.22 4.62 -18.70
C GLY C 83 25.88 5.20 -18.26
N SER C 84 25.89 6.08 -17.26
CA SER C 84 24.64 6.62 -16.69
C SER C 84 24.33 8.08 -17.00
N ALA C 85 25.34 8.90 -17.38
CA ALA C 85 25.18 10.35 -17.58
C ALA C 85 24.01 10.76 -18.47
N VAL C 86 23.84 10.13 -19.64
CA VAL C 86 22.74 10.43 -20.55
C VAL C 86 21.39 10.00 -19.97
N GLU C 87 21.37 8.84 -19.31
CA GLU C 87 20.15 8.33 -18.71
C GLU C 87 19.65 9.23 -17.60
N ALA C 88 20.56 9.70 -16.75
CA ALA C 88 20.27 10.61 -15.63
C ALA C 88 19.75 11.95 -16.16
N MET C 89 20.32 12.43 -17.26
CA MET C 89 19.92 13.67 -17.92
C MET C 89 18.47 13.58 -18.39
N PHE C 90 18.10 12.47 -19.06
CA PHE C 90 16.73 12.24 -19.53
C PHE C 90 15.73 12.05 -18.36
N LEU C 91 16.19 11.44 -17.26
CA LEU C 91 15.34 11.27 -16.08
C LEU C 91 15.08 12.65 -15.43
N ARG C 92 16.12 13.50 -15.34
CA ARG C 92 15.99 14.87 -14.81
C ARG C 92 15.10 15.73 -15.72
N SER C 93 15.23 15.61 -17.07
CA SER C 93 14.39 16.37 -18.00
CA SER C 93 14.39 16.38 -17.98
C SER C 93 12.93 15.95 -17.87
N ALA C 94 12.68 14.63 -17.65
CA ALA C 94 11.32 14.10 -17.47
C ALA C 94 10.72 14.66 -16.17
N GLU C 95 11.53 14.73 -15.10
CA GLU C 95 11.10 15.30 -13.82
C GLU C 95 10.70 16.79 -13.99
N ILE C 96 11.60 17.58 -14.61
CA ILE C 96 11.38 19.01 -14.86
C ILE C 96 10.13 19.22 -15.74
N PHE C 97 9.99 18.45 -16.82
CA PHE C 97 8.84 18.51 -17.72
C PHE C 97 7.50 18.32 -16.98
N ASN C 98 7.49 17.43 -15.95
CA ASN C 98 6.30 17.08 -15.18
C ASN C 98 6.05 17.94 -13.93
N LYS C 99 6.93 18.90 -13.62
CA LYS C 99 6.73 19.81 -12.49
C LYS C 99 5.52 20.70 -12.81
N LYS C 100 4.55 20.78 -11.87
CA LYS C 100 3.32 21.56 -12.05
C LYS C 100 3.62 23.04 -12.26
N LEU C 101 3.01 23.62 -13.29
CA LEU C 101 3.18 25.02 -13.68
C LEU C 101 1.81 25.70 -13.83
N PRO C 102 1.71 27.07 -13.83
CA PRO C 102 0.39 27.71 -14.04
C PRO C 102 -0.26 27.32 -15.37
N SER C 103 -1.60 27.50 -15.46
CA SER C 103 -2.41 27.15 -16.63
C SER C 103 -1.84 27.67 -17.96
N GLY C 104 -1.67 26.77 -18.91
CA GLY C 104 -1.13 27.04 -20.25
C GLY C 104 0.38 26.93 -20.39
N HIS C 105 1.12 27.08 -19.27
CA HIS C 105 2.60 27.03 -19.24
C HIS C 105 3.18 25.70 -19.72
N SER C 106 2.68 24.55 -19.22
CA SER C 106 3.19 23.23 -19.64
C SER C 106 2.94 22.94 -21.13
N ASP C 107 1.85 23.48 -21.70
CA ASP C 107 1.51 23.37 -23.11
C ASP C 107 2.48 24.18 -23.96
N LEU C 108 2.84 25.40 -23.47
CA LEU C 108 3.80 26.26 -24.17
C LEU C 108 5.21 25.67 -24.08
N LEU C 109 5.58 25.15 -22.89
CA LEU C 109 6.86 24.52 -22.66
C LEU C 109 7.05 23.35 -23.65
N GLU C 110 6.02 22.48 -23.80
CA GLU C 110 6.01 21.35 -24.70
C GLU C 110 6.19 21.80 -26.17
N ALA C 111 5.43 22.82 -26.61
CA ALA C 111 5.50 23.37 -27.96
C ALA C 111 6.87 24.01 -28.24
N ARG C 112 7.46 24.67 -27.22
CA ARG C 112 8.78 25.31 -27.35
C ARG C 112 9.92 24.27 -27.43
N ILE C 113 9.77 23.14 -26.71
CA ILE C 113 10.73 22.04 -26.76
C ILE C 113 10.60 21.33 -28.12
N ARG C 114 9.37 21.21 -28.64
CA ARG C 114 9.08 20.63 -29.96
C ARG C 114 9.79 21.38 -31.09
N ASN C 115 9.88 22.74 -30.95
CA ASN C 115 10.52 23.56 -31.99
CA ASN C 115 10.46 23.73 -31.86
C ASN C 115 11.94 24.01 -31.62
N SER C 116 12.57 23.31 -30.67
CA SER C 116 13.94 23.58 -30.22
C SER C 116 15.06 23.36 -31.25
N GLY C 117 14.84 22.48 -32.23
CA GLY C 117 15.83 22.19 -33.26
C GLY C 117 16.09 20.72 -33.46
N ILE C 118 15.64 19.88 -32.54
CA ILE C 118 15.76 18.43 -32.61
C ILE C 118 14.75 17.89 -33.62
N SER C 119 15.08 16.80 -34.32
CA SER C 119 14.21 16.16 -35.31
C SER C 119 12.93 15.63 -34.63
N ASP C 120 11.74 15.76 -35.28
CA ASP C 120 10.45 15.32 -34.73
C ASP C 120 10.42 13.82 -34.41
N GLU C 121 11.19 13.00 -35.16
CA GLU C 121 11.27 11.54 -34.94
C GLU C 121 11.83 11.18 -33.55
N TYR C 122 12.51 12.12 -32.89
CA TYR C 122 13.04 11.93 -31.54
C TYR C 122 12.12 12.58 -30.50
N ILE C 123 11.37 13.63 -30.93
CA ILE C 123 10.43 14.39 -30.10
C ILE C 123 9.26 13.53 -29.61
N THR C 124 8.70 12.70 -30.51
CA THR C 124 7.57 11.81 -30.24
C THR C 124 7.95 10.80 -29.11
N PRO C 125 8.99 9.93 -29.23
CA PRO C 125 9.34 9.03 -28.10
C PRO C 125 9.72 9.72 -26.78
N MET C 126 10.31 10.92 -26.83
CA MET C 126 10.70 11.66 -25.64
C MET C 126 9.49 12.09 -24.81
N PHE C 127 8.48 12.66 -25.48
CA PHE C 127 7.26 13.12 -24.83
C PHE C 127 6.40 11.97 -24.34
N SER C 128 6.48 10.81 -25.03
CA SER C 128 5.76 9.60 -24.63
C SER C 128 6.40 9.10 -23.33
N PHE C 129 7.75 9.09 -23.24
CA PHE C 129 8.45 8.75 -22.01
C PHE C 129 8.12 9.78 -20.91
N TYR C 130 8.22 11.09 -21.22
CA TYR C 130 7.95 12.18 -20.26
C TYR C 130 6.56 12.07 -19.66
N LYS C 131 5.53 11.86 -20.50
CA LYS C 131 4.15 11.74 -20.02
C LYS C 131 3.90 10.43 -19.26
N SER C 132 4.60 9.34 -19.64
CA SER C 132 4.50 8.07 -18.94
C SER C 132 5.17 8.18 -17.54
N ILE C 133 6.26 8.97 -17.43
CA ILE C 133 6.90 9.30 -16.15
C ILE C 133 5.89 10.11 -15.31
N GLY C 134 5.24 11.09 -15.95
CA GLY C 134 4.25 11.97 -15.35
C GLY C 134 3.06 11.28 -14.71
N GLU C 135 2.56 10.21 -15.36
CA GLU C 135 1.42 9.43 -14.88
C GLU C 135 1.75 8.62 -13.62
N LEU C 136 3.05 8.34 -13.39
CA LEU C 136 3.51 7.63 -12.21
C LEU C 136 3.50 8.49 -10.95
N LYS C 137 3.22 9.80 -11.07
CA LYS C 137 3.13 10.81 -9.99
C LYS C 137 4.23 10.63 -8.94
N MET C 138 5.48 10.54 -9.42
CA MET C 138 6.66 10.31 -8.60
C MET C 138 6.97 11.47 -7.67
N THR C 139 7.38 11.15 -6.43
CA THR C 139 7.78 12.16 -5.45
C THR C 139 9.25 12.50 -5.74
N GLN C 140 9.78 13.58 -5.12
CA GLN C 140 11.17 13.98 -5.27
C GLN C 140 12.13 12.86 -4.82
N GLU C 141 11.76 12.16 -3.72
CA GLU C 141 12.52 11.04 -3.16
C GLU C 141 12.64 9.87 -4.13
N GLU C 142 11.57 9.62 -4.89
CA GLU C 142 11.55 8.57 -5.91
C GLU C 142 12.47 8.91 -7.07
N TYR C 143 12.45 10.16 -7.53
CA TYR C 143 13.36 10.62 -8.60
C TYR C 143 14.81 10.50 -8.13
N ALA C 144 15.10 10.93 -6.88
CA ALA C 144 16.44 10.89 -6.30
C ALA C 144 16.97 9.45 -6.21
N LEU C 145 16.16 8.52 -5.66
CA LEU C 145 16.52 7.11 -5.52
C LEU C 145 16.68 6.43 -6.89
N LEU C 146 15.74 6.71 -7.82
CA LEU C 146 15.79 6.15 -9.17
C LEU C 146 17.04 6.60 -9.94
N THR C 147 17.47 7.86 -9.74
CA THR C 147 18.72 8.41 -10.32
C THR C 147 19.92 7.62 -9.77
N ALA C 148 19.98 7.48 -8.43
CA ALA C 148 21.04 6.71 -7.74
C ALA C 148 21.11 5.26 -8.25
N ILE C 149 19.94 4.62 -8.49
CA ILE C 149 19.82 3.24 -8.99
C ILE C 149 20.32 3.13 -10.45
N VAL C 150 20.02 4.15 -11.28
CA VAL C 150 20.49 4.26 -12.67
C VAL C 150 22.04 4.34 -12.69
N ILE C 151 22.64 5.16 -11.82
CA ILE C 151 24.09 5.33 -11.70
C ILE C 151 24.77 4.02 -11.26
N LEU C 152 24.20 3.36 -10.27
CA LEU C 152 24.75 2.13 -9.71
C LEU C 152 24.19 0.88 -10.40
N SER C 153 24.13 0.91 -11.74
CA SER C 153 23.65 -0.22 -12.53
C SER C 153 24.79 -1.19 -12.79
N PRO C 154 24.68 -2.44 -12.29
CA PRO C 154 25.77 -3.41 -12.48
C PRO C 154 25.97 -3.90 -13.92
N ASP C 155 24.89 -3.87 -14.73
CA ASP C 155 24.86 -4.34 -16.11
C ASP C 155 25.49 -3.39 -17.14
N ARG C 156 26.21 -2.39 -16.66
CA ARG C 156 26.89 -1.39 -17.48
C ARG C 156 28.09 -1.98 -18.20
N GLN C 157 28.40 -1.44 -19.40
CA GLN C 157 29.54 -1.86 -20.23
C GLN C 157 30.89 -1.52 -19.56
N TYR C 158 31.87 -2.44 -19.67
CA TYR C 158 33.23 -2.36 -19.11
C TYR C 158 33.30 -2.48 -17.58
N ILE C 159 32.23 -2.98 -16.93
CA ILE C 159 32.26 -3.18 -15.48
C ILE C 159 33.02 -4.46 -15.16
N LYS C 160 34.18 -4.31 -14.51
CA LYS C 160 35.06 -5.42 -14.12
C LYS C 160 34.43 -6.23 -13.00
N ASP C 161 34.00 -5.56 -11.92
CA ASP C 161 33.39 -6.20 -10.76
C ASP C 161 31.91 -5.79 -10.61
N ARG C 162 31.04 -6.54 -11.32
CA ARG C 162 29.59 -6.39 -11.35
C ARG C 162 28.98 -6.51 -9.94
N GLU C 163 29.41 -7.54 -9.19
CA GLU C 163 28.97 -7.89 -7.83
C GLU C 163 29.15 -6.74 -6.82
N ALA C 164 30.30 -6.03 -6.87
CA ALA C 164 30.58 -4.88 -5.99
C ALA C 164 29.55 -3.75 -6.23
N VAL C 165 29.14 -3.54 -7.50
CA VAL C 165 28.15 -2.53 -7.89
C VAL C 165 26.76 -2.96 -7.40
N GLU C 166 26.42 -4.23 -7.61
CA GLU C 166 25.17 -4.85 -7.15
C GLU C 166 24.96 -4.65 -5.64
N LYS C 167 26.01 -4.86 -4.83
CA LYS C 167 25.97 -4.66 -3.36
C LYS C 167 25.63 -3.21 -2.99
N LEU C 168 26.07 -2.23 -3.80
CA LEU C 168 25.76 -0.81 -3.55
C LEU C 168 24.36 -0.42 -4.01
N GLN C 169 23.86 -1.04 -5.09
CA GLN C 169 22.54 -0.74 -5.64
C GLN C 169 21.40 -1.34 -4.79
N GLU C 170 21.58 -2.58 -4.27
CA GLU C 170 20.58 -3.32 -3.47
C GLU C 170 19.96 -2.48 -2.33
N PRO C 171 20.71 -1.78 -1.43
CA PRO C 171 20.04 -0.95 -0.39
C PRO C 171 19.18 0.19 -0.92
N LEU C 172 19.53 0.75 -2.08
CA LEU C 172 18.76 1.82 -2.71
C LEU C 172 17.46 1.28 -3.32
N LEU C 173 17.51 0.07 -3.91
CA LEU C 173 16.32 -0.63 -4.44
C LEU C 173 15.35 -0.94 -3.29
N ASP C 174 15.86 -1.43 -2.14
CA ASP C 174 15.08 -1.72 -0.93
C ASP C 174 14.35 -0.47 -0.41
N VAL C 175 15.04 0.68 -0.34
CA VAL C 175 14.45 1.96 0.09
C VAL C 175 13.34 2.40 -0.92
N LEU C 176 13.65 2.35 -2.23
CA LEU C 176 12.67 2.73 -3.26
C LEU C 176 11.42 1.86 -3.21
N GLN C 177 11.59 0.54 -3.06
CA GLN C 177 10.47 -0.41 -2.96
C GLN C 177 9.54 -0.06 -1.79
N LYS C 178 10.12 0.22 -0.60
CA LYS C 178 9.38 0.65 0.60
C LYS C 178 8.62 1.96 0.34
N LEU C 179 9.27 2.93 -0.31
CA LEU C 179 8.67 4.22 -0.64
C LEU C 179 7.48 4.09 -1.59
N CYS C 180 7.57 3.17 -2.59
CA CYS C 180 6.48 2.90 -3.54
C CYS C 180 5.26 2.32 -2.80
N LYS C 181 5.49 1.42 -1.83
CA LYS C 181 4.45 0.77 -1.00
C LYS C 181 3.77 1.76 -0.03
N ILE C 182 4.49 2.81 0.39
CA ILE C 182 4.03 3.86 1.31
C ILE C 182 3.29 4.97 0.53
N HIS C 183 3.89 5.46 -0.57
CA HIS C 183 3.30 6.51 -1.39
C HIS C 183 2.09 6.05 -2.23
N GLN C 184 2.17 4.85 -2.84
CA GLN C 184 1.06 4.34 -3.65
C GLN C 184 0.62 2.93 -3.23
N PRO C 185 -0.10 2.78 -2.08
CA PRO C 185 -0.53 1.43 -1.66
C PRO C 185 -1.57 0.81 -2.59
N GLU C 186 -2.39 1.64 -3.25
CA GLU C 186 -3.44 1.24 -4.22
C GLU C 186 -2.82 0.56 -5.45
N ASN C 187 -1.60 0.99 -5.87
CA ASN C 187 -0.89 0.45 -7.02
C ASN C 187 0.33 -0.39 -6.57
N PRO C 188 0.17 -1.72 -6.35
CA PRO C 188 1.31 -2.54 -5.91
C PRO C 188 2.27 -2.89 -7.06
N GLN C 189 1.96 -2.40 -8.26
CA GLN C 189 2.78 -2.58 -9.46
C GLN C 189 3.69 -1.37 -9.67
N HIS C 190 3.57 -0.36 -8.80
CA HIS C 190 4.31 0.89 -8.91
C HIS C 190 5.82 0.70 -8.94
N PHE C 191 6.39 -0.06 -8.00
CA PHE C 191 7.84 -0.28 -7.98
C PHE C 191 8.34 -0.92 -9.29
N ALA C 192 7.62 -1.94 -9.77
CA ALA C 192 7.91 -2.62 -11.05
C ALA C 192 7.86 -1.63 -12.21
N CYS C 193 6.85 -0.73 -12.23
CA CYS C 193 6.66 0.32 -13.22
C CYS C 193 7.87 1.24 -13.28
N LEU C 194 8.44 1.63 -12.09
CA LEU C 194 9.62 2.50 -12.02
C LEU C 194 10.82 1.79 -12.61
N LEU C 195 10.98 0.50 -12.28
CA LEU C 195 12.12 -0.25 -12.81
C LEU C 195 12.03 -0.44 -14.34
N GLY C 196 10.82 -0.57 -14.88
CA GLY C 196 10.57 -0.66 -16.31
C GLY C 196 11.02 0.57 -17.09
N ARG C 197 11.03 1.76 -16.44
CA ARG C 197 11.48 3.04 -17.00
C ARG C 197 12.93 3.05 -17.38
N LEU C 198 13.76 2.27 -16.68
CA LEU C 198 15.21 2.17 -16.91
C LEU C 198 15.52 1.59 -18.28
N THR C 199 14.64 0.68 -18.77
CA THR C 199 14.74 0.08 -20.11
C THR C 199 14.49 1.19 -21.15
N GLU C 200 13.50 2.05 -20.88
CA GLU C 200 13.16 3.18 -21.74
C GLU C 200 14.30 4.17 -21.82
N LEU C 201 14.92 4.52 -20.66
CA LEU C 201 16.06 5.42 -20.59
C LEU C 201 17.23 4.90 -21.37
N ARG C 202 17.42 3.57 -21.36
CA ARG C 202 18.51 2.92 -22.10
C ARG C 202 18.34 3.14 -23.61
N THR C 203 17.07 3.19 -24.11
CA THR C 203 16.84 3.44 -25.54
C THR C 203 17.29 4.87 -25.89
N PHE C 204 16.97 5.89 -25.04
CA PHE C 204 17.43 7.27 -25.28
C PHE C 204 18.95 7.41 -25.36
N ASN C 205 19.66 6.62 -24.53
CA ASN C 205 21.13 6.56 -24.49
C ASN C 205 21.74 6.04 -25.83
N HIS C 206 21.19 4.96 -26.42
CA HIS C 206 21.66 4.37 -27.69
C HIS C 206 21.62 5.35 -28.89
N HIS C 207 20.55 6.19 -28.96
CA HIS C 207 20.35 7.14 -30.06
C HIS C 207 20.65 8.61 -29.72
N HIS C 208 21.34 8.86 -28.59
CA HIS C 208 21.67 10.19 -28.11
CA HIS C 208 21.68 10.19 -28.10
C HIS C 208 22.57 10.98 -29.07
N ALA C 209 23.67 10.36 -29.55
CA ALA C 209 24.62 11.00 -30.48
C ALA C 209 23.90 11.41 -31.78
N GLU C 210 22.99 10.53 -32.28
CA GLU C 210 22.17 10.74 -33.46
C GLU C 210 21.20 11.89 -33.25
N MET C 211 20.53 11.98 -32.07
CA MET C 211 19.58 13.08 -31.86
C MET C 211 20.30 14.43 -31.71
N LEU C 212 21.57 14.43 -31.22
CA LEU C 212 22.41 15.63 -31.09
C LEU C 212 22.87 16.10 -32.46
N MET C 213 23.35 15.16 -33.31
CA MET C 213 23.87 15.47 -34.64
C MET C 213 22.77 15.83 -35.65
N SER C 214 21.51 15.41 -35.38
CA SER C 214 20.32 15.70 -36.19
C SER C 214 19.77 17.11 -35.91
N TRP C 215 20.31 17.80 -34.87
CA TRP C 215 19.88 19.15 -34.47
C TRP C 215 20.05 20.10 -35.65
N ARG C 216 19.00 20.93 -35.91
CA ARG C 216 18.96 21.88 -37.01
C ARG C 216 19.91 23.06 -36.81
N VAL C 217 21.23 22.79 -36.81
CA VAL C 217 22.31 23.78 -36.68
C VAL C 217 23.41 23.41 -37.66
N ASN C 218 24.20 24.40 -38.10
CA ASN C 218 25.30 24.18 -39.04
C ASN C 218 26.49 23.51 -38.36
N ASP C 219 26.83 23.96 -37.14
CA ASP C 219 27.95 23.44 -36.37
C ASP C 219 27.49 22.88 -35.03
N HIS C 220 27.98 21.69 -34.70
CA HIS C 220 27.64 20.99 -33.46
C HIS C 220 28.83 21.06 -32.50
N LYS C 221 28.95 22.20 -31.80
CA LYS C 221 30.03 22.45 -30.86
C LYS C 221 29.72 21.91 -29.49
N PHE C 222 30.62 21.05 -29.00
CA PHE C 222 30.58 20.42 -27.70
C PHE C 222 31.81 20.81 -26.87
N THR C 223 31.66 20.85 -25.55
CA THR C 223 32.73 21.20 -24.60
C THR C 223 33.66 19.97 -24.44
N PRO C 224 34.94 20.10 -24.01
CA PRO C 224 35.77 18.90 -23.80
C PRO C 224 35.17 17.90 -22.80
N LEU C 225 34.44 18.38 -21.77
CA LEU C 225 33.77 17.50 -20.80
C LEU C 225 32.65 16.69 -21.46
N LEU C 226 31.83 17.34 -22.31
CA LEU C 226 30.73 16.67 -23.03
C LEU C 226 31.27 15.63 -24.02
N CYS C 227 32.44 15.89 -24.64
CA CYS C 227 33.11 14.97 -25.59
C CYS C 227 33.53 13.68 -24.92
N GLU C 228 33.94 13.78 -23.64
CA GLU C 228 34.36 12.64 -22.85
C GLU C 228 33.17 11.76 -22.48
N ILE C 229 32.04 12.38 -22.13
CA ILE C 229 30.86 11.67 -21.63
C ILE C 229 29.84 11.27 -22.74
N TRP C 230 29.79 12.00 -23.85
CA TRP C 230 28.85 11.72 -24.93
C TRP C 230 29.45 11.02 -26.14
N ASP C 231 30.80 10.98 -26.22
CA ASP C 231 31.57 10.40 -27.35
C ASP C 231 31.10 11.02 -28.67
N VAL C 232 31.40 12.31 -28.83
CA VAL C 232 30.98 13.11 -29.97
C VAL C 232 31.96 14.24 -30.26
N HIS D 3 39.81 9.32 -20.08
CA HIS D 3 38.83 10.33 -19.66
C HIS D 3 39.39 11.20 -18.51
N GLN D 4 40.46 11.96 -18.80
CA GLN D 4 41.21 12.80 -17.84
C GLN D 4 40.33 13.78 -17.03
N LEU D 5 39.35 14.44 -17.66
CA LEU D 5 38.45 15.38 -16.97
C LEU D 5 37.53 14.64 -16.02
N LEU D 6 37.10 13.44 -16.43
CA LEU D 6 36.26 12.57 -15.60
C LEU D 6 37.02 12.08 -14.38
N ARG D 7 38.31 11.64 -14.56
CA ARG D 7 39.18 11.20 -13.46
C ARG D 7 39.38 12.34 -12.49
N TYR D 8 39.63 13.56 -13.01
CA TYR D 8 39.83 14.75 -12.18
C TYR D 8 38.61 15.06 -11.32
N LEU D 9 37.40 15.16 -11.92
CA LEU D 9 36.17 15.44 -11.19
C LEU D 9 35.86 14.38 -10.13
N LEU D 10 36.15 13.09 -10.43
CA LEU D 10 35.94 11.95 -9.53
C LEU D 10 36.90 11.96 -8.36
N ASP D 11 38.20 12.29 -8.60
CA ASP D 11 39.20 12.33 -7.55
C ASP D 11 39.02 13.58 -6.67
N LYS D 12 39.20 14.80 -7.25
CA LYS D 12 38.99 16.07 -6.56
CA LYS D 12 38.97 16.07 -6.55
C LYS D 12 38.84 17.22 -7.54
N3 9N4 E . -11.47 -6.31 8.81
N3 9N4 E . -11.89 -6.32 8.92
C4 9N4 E . -10.33 -5.38 10.77
C4 9N4 E . -10.78 -5.62 11.00
C5 9N4 E . -13.61 -2.84 10.78
C5 9N4 E . -13.59 -2.80 11.13
C7 9N4 E . -12.17 -2.98 10.18
C7 9N4 E . -12.24 -2.96 10.39
C8 9N4 E . -12.90 -4.59 8.26
C8 9N4 E . -13.02 -4.42 8.36
C10 9N4 E . -15.25 -4.18 12.10
C10 9N4 E . -15.31 -4.14 12.30
C13 9N4 E . -9.81 -5.95 13.07
C13 9N4 E . -8.61 -5.64 12.09
C15 9N4 E . -15.30 -4.05 13.51
C15 9N4 E . -15.32 -3.95 13.70
C17 9N4 E . -11.65 -1.69 9.49
C17 9N4 E . -11.76 -1.68 9.65
C21 9N4 E . -13.88 -3.92 7.54
C21 9N4 E . -13.86 -3.60 7.60
C24 9N4 E . -17.66 -4.62 13.41
C24 9N4 E . -17.69 -4.47 13.69
C26 9N4 E . -16.53 -4.27 14.14
C26 9N4 E . -16.54 -4.12 14.38
C28 9N4 E . -14.09 -3.66 14.32
C28 9N4 E . -14.08 -3.56 14.47
C32 9N4 E . -8.03 -5.86 15.26
C32 9N4 E . -8.12 -5.27 15.24
O22 9N4 E . -7.56 -5.60 13.91
O22 9N4 E . -8.49 -6.37 14.41
C18 9N4 E . -8.49 -5.53 12.88
C18 9N4 E . -9.21 -6.11 13.26
C19 9N4 E . -8.09 -5.04 11.64
C19 9N4 E . -10.57 -6.34 13.30
C12 9N4 E . -9.00 -4.97 10.59
C12 9N4 E . -11.34 -6.10 12.18
C11 9N4 E . -10.72 -5.88 12.02
C11 9N4 E . -9.39 -5.40 10.96
O20 9N4 E . -12.03 -6.28 12.14
O20 9N4 E . -8.89 -4.93 9.77
C31 9N4 E . -12.35 -7.30 13.08
C31 9N4 E . -7.81 -3.98 9.82
C1 9N4 E . -11.30 -5.31 9.66
C1 9N4 E . -11.65 -5.39 9.83
C9 9N4 E . -12.48 -5.87 7.93
C9 9N4 E . -12.75 -5.73 7.99
C23 9N4 E . -13.05 -6.53 6.83
C23 9N4 E . -13.32 -6.27 6.84
C34 9N4 E . -14.04 -5.86 6.10
C34 9N4 E . -14.15 -5.46 6.08
C33 9N4 E . -14.45 -4.58 6.45
C33 9N4 E . -14.42 -4.15 6.44
N2 9N4 E . -12.12 -4.23 9.38
N2 9N4 E . -12.30 -4.20 9.55
C29 9N4 E . -11.31 -0.62 10.54
C29 9N4 E . -11.19 -0.66 10.65
C36 9N4 E . -10.76 0.67 9.91
C36 9N4 E . -10.73 0.63 9.95
C37 9N4 E . -9.53 0.39 9.06
C37 9N4 E . -9.69 0.34 8.87
C35 9N4 E . -9.82 -0.69 7.99
C35 9N4 E . -10.21 -0.69 7.86
C30 9N4 E . -10.41 -1.97 8.63
C30 9N4 E . -10.70 -1.98 8.58
O14 9N4 E . -14.28 -1.83 10.67
O14 9N4 E . -14.14 -1.71 11.28
N6 9N4 E . -14.00 -3.97 11.43
N6 9N4 E . -14.09 -3.98 11.58
C25 9N4 E . -17.58 -4.75 12.03
C25 9N4 E . -17.66 -4.66 12.32
C16 9N4 E . -16.39 -4.53 11.34
C16 9N4 E . -16.48 -4.51 11.59
C27 9N4 E . -16.34 -4.69 9.84
C27 9N4 E . -16.47 -4.72 10.09
N3 9N4 F . 13.76 17.93 -22.78
N3 9N4 F . 13.95 17.92 -22.39
C4 9N4 F . 15.71 17.94 -24.28
C4 9N4 F . 15.93 17.65 -23.81
C5 9N4 F . 17.16 20.68 -21.53
C5 9N4 F . 17.46 20.61 -21.56
C7 9N4 F . 16.29 20.58 -22.82
C7 9N4 F . 16.53 20.49 -22.80
C8 9N4 F . 14.09 19.89 -21.62
C8 9N4 F . 14.28 20.02 -21.56
C10 9N4 F . 18.21 19.25 -19.79
C10 9N4 F . 18.40 19.23 -19.72
C13 9N4 F . 17.55 16.52 -24.95
C13 9N4 F . 16.58 16.95 -26.04
C15 9N4 F . 19.59 18.91 -19.90
C15 9N4 F . 19.78 18.95 -19.85
C17 9N4 F . 15.99 21.94 -23.48
C17 9N4 F . 16.21 21.86 -23.48
C21 9N4 F . 13.81 20.89 -20.69
C21 9N4 F . 13.99 21.17 -20.81
C24 9N4 F . 19.69 18.83 -17.47
C24 9N4 F . 19.92 18.85 -17.44
C26 9N4 F . 20.30 18.72 -18.71
C26 9N4 F . 20.52 18.76 -18.68
C28 9N4 F . 20.27 18.78 -21.23
C28 9N4 F . 20.46 18.84 -21.20
C32 9N4 F . 19.26 15.55 -26.99
C32 9N4 F . 19.72 16.02 -26.65
O22 9N4 F . 18.10 16.37 -27.32
O22 9N4 F . 18.45 15.45 -26.31
C18 9N4 F . 17.34 16.86 -26.27
C18 9N4 F . 17.61 16.18 -25.50
C19 9N4 F . 16.32 17.75 -26.62
C19 9N4 F . 17.81 16.15 -24.12
C12 9N4 F . 15.51 18.29 -25.62
C12 9N4 F . 16.98 16.87 -23.29
C11 9N4 F . 16.75 17.06 -23.95
C11 9N4 F . 15.75 17.67 -25.21
O20 9N4 F . 16.89 16.78 -22.62
O20 9N4 F . 14.71 18.46 -25.67
C31 9N4 F . 17.76 15.70 -22.25
C31 9N4 F . 14.82 19.04 -26.96
C1 9N4 F . 14.86 18.52 -23.21
C1 9N4 F . 15.07 18.41 -22.88
C9 9N4 F . 13.26 18.78 -21.78
C9 9N4 F . 13.44 18.92 -21.56
C23 9N4 F . 12.11 18.65 -21.00
C23 9N4 F . 12.28 18.93 -20.78
C34 9N4 F . 11.82 19.64 -20.07
C34 9N4 F . 11.99 20.07 -20.04
C33 9N4 F . 12.65 20.74 -19.91
C33 9N4 F . 12.83 21.17 -20.05
N2 9N4 F . 15.12 19.71 -22.57
N2 9N4 F . 15.33 19.68 -22.43
C29 9N4 F . 17.19 22.47 -24.27
C29 9N4 F . 17.40 22.36 -24.31
C36 9N4 F . 16.93 23.85 -24.89
C36 9N4 F . 17.12 23.73 -24.93
C37 9N4 F . 15.72 23.82 -25.82
C37 9N4 F . 15.89 23.70 -25.83
C35 9N4 F . 14.46 23.24 -25.10
C35 9N4 F . 14.65 23.14 -25.07
C30 9N4 F . 14.76 21.87 -24.41
C30 9N4 F . 14.96 21.77 -24.37
O14 9N4 F . 17.52 21.76 -21.06
O14 9N4 F . 18.01 21.66 -21.24
N6 9N4 F . 17.44 19.46 -20.99
N6 9N4 F . 17.61 19.43 -20.89
C25 9N4 F . 18.34 19.15 -17.38
C25 9N4 F . 18.56 19.13 -17.33
C16 9N4 F . 17.57 19.37 -18.53
C16 9N4 F . 17.78 19.32 -18.46
C27 9N4 F . 16.11 19.72 -18.41
C27 9N4 F . 16.31 19.63 -18.31
#